data_2MJT
#
_entry.id   2MJT
#
loop_
_entity.id
_entity.type
_entity.pdbx_description
1 polymer Anoplin
2 non-polymer 'UNKNOWN ATOM OR ION'
3 non-polymer 'dodecyl 2-(trimethylammonio)ethyl phosphate'
#
_entity_poly.entity_id   1
_entity_poly.type   'polypeptide(L)'
_entity_poly.pdbx_seq_one_letter_code
;GLLKFIKWLL(NH2)
;
_entity_poly.pdbx_strand_id   A
#
# COMPACT_ATOMS: atom_id res chain seq x y z
N GLY A 1 -1.42 9.06 2.41
CA GLY A 1 -1.51 7.86 3.28
C GLY A 1 -2.13 6.69 2.55
N LEU A 2 -2.29 5.57 3.25
CA LEU A 2 -2.93 4.32 2.76
C LEU A 2 -2.30 3.64 1.51
N LEU A 3 -2.02 4.36 0.46
CA LEU A 3 -1.49 3.79 -0.78
C LEU A 3 -0.24 2.95 -0.56
N LYS A 4 0.63 3.36 0.35
CA LYS A 4 1.87 2.61 0.60
C LYS A 4 1.58 1.19 1.11
N PHE A 5 0.54 1.05 1.94
CA PHE A 5 0.17 -0.26 2.44
C PHE A 5 -0.39 -1.12 1.31
N ILE A 6 -1.10 -0.49 0.39
CA ILE A 6 -1.66 -1.21 -0.76
C ILE A 6 -0.55 -1.58 -1.73
N LYS A 7 0.46 -0.75 -1.88
CA LYS A 7 1.61 -1.09 -2.74
C LYS A 7 2.38 -2.29 -2.19
N TRP A 8 2.42 -2.42 -0.87
CA TRP A 8 3.01 -3.59 -0.24
C TRP A 8 2.13 -4.83 -0.52
N LEU A 9 0.83 -4.67 -0.40
CA LEU A 9 -0.12 -5.76 -0.65
C LEU A 9 -0.06 -6.25 -2.09
N LEU A 10 0.06 -5.30 -3.02
CA LEU A 10 0.19 -5.60 -4.45
C LEU A 10 1.52 -6.32 -4.72
N GLY A 1 1.55 4.81 5.07
CA GLY A 1 0.53 5.55 4.30
C GLY A 1 -0.45 4.60 3.64
N LEU A 2 -1.66 5.05 3.36
CA LEU A 2 -2.69 4.18 2.79
C LEU A 2 -2.29 3.58 1.45
N LEU A 3 -1.95 4.40 0.46
CA LEU A 3 -1.59 3.88 -0.85
C LEU A 3 -0.29 3.07 -0.76
N LYS A 4 0.57 3.39 0.20
CA LYS A 4 1.80 2.61 0.43
C LYS A 4 1.54 1.24 1.05
N PHE A 5 0.47 1.09 1.81
CA PHE A 5 0.12 -0.21 2.37
C PHE A 5 -0.49 -1.05 1.25
N ILE A 6 -1.26 -0.41 0.38
CA ILE A 6 -1.82 -1.11 -0.78
C ILE A 6 -0.66 -1.55 -1.68
N LYS A 7 0.36 -0.70 -1.83
CA LYS A 7 1.55 -1.05 -2.56
C LYS A 7 2.24 -2.27 -1.99
N TRP A 8 2.25 -2.44 -0.68
CA TRP A 8 2.90 -3.59 -0.09
C TRP A 8 2.09 -4.86 -0.29
N LEU A 9 0.77 -4.73 -0.39
CA LEU A 9 -0.07 -5.89 -0.69
C LEU A 9 0.19 -6.33 -2.12
N LEU A 10 0.18 -5.36 -3.02
CA LEU A 10 0.31 -5.59 -4.46
C LEU A 10 1.69 -6.09 -4.85
N GLY A 1 -2.33 8.95 1.75
CA GLY A 1 -2.46 8.01 2.89
C GLY A 1 -2.90 6.65 2.43
N LEU A 2 -2.60 5.60 3.19
CA LEU A 2 -2.93 4.19 2.87
C LEU A 2 -2.25 3.58 1.62
N LEU A 3 -1.92 4.40 0.64
CA LEU A 3 -1.36 3.94 -0.63
C LEU A 3 -0.13 3.05 -0.50
N LYS A 4 0.78 3.36 0.40
CA LYS A 4 1.99 2.53 0.54
C LYS A 4 1.64 1.15 1.08
N PHE A 5 0.57 1.01 1.84
CA PHE A 5 0.16 -0.32 2.31
C PHE A 5 -0.44 -1.08 1.13
N ILE A 6 -1.19 -0.41 0.28
CA ILE A 6 -1.77 -1.06 -0.89
C ILE A 6 -0.65 -1.53 -1.83
N LYS A 7 0.39 -0.72 -1.98
CA LYS A 7 1.55 -1.10 -2.78
C LYS A 7 2.33 -2.24 -2.15
N TRP A 8 2.33 -2.32 -0.83
CA TRP A 8 2.96 -3.45 -0.13
C TRP A 8 2.17 -4.73 -0.41
N LEU A 9 0.85 -4.61 -0.43
CA LEU A 9 -0.01 -5.77 -0.61
C LEU A 9 0.07 -6.35 -2.01
N LEU A 10 0.07 -5.49 -3.01
CA LEU A 10 0.11 -5.95 -4.41
C LEU A 10 1.52 -6.38 -4.81
N GLY A 1 0.51 6.08 5.22
CA GLY A 1 -0.62 6.38 4.31
C GLY A 1 -1.15 5.14 3.65
N LEU A 2 -2.42 5.16 3.27
CA LEU A 2 -3.08 3.99 2.69
C LEU A 2 -2.42 3.47 1.42
N LEU A 3 -2.01 4.36 0.53
CA LEU A 3 -1.41 3.94 -0.74
C LEU A 3 -0.14 3.12 -0.52
N LYS A 4 0.65 3.46 0.49
CA LYS A 4 1.87 2.69 0.77
C LYS A 4 1.55 1.27 1.24
N PHE A 5 0.44 1.08 1.93
CA PHE A 5 0.05 -0.27 2.34
C PHE A 5 -0.44 -1.06 1.12
N ILE A 6 -1.07 -0.37 0.18
CA ILE A 6 -1.55 -1.01 -1.06
C ILE A 6 -0.36 -1.45 -1.91
N LYS A 7 0.68 -0.63 -1.97
CA LYS A 7 1.89 -1.00 -2.71
C LYS A 7 2.58 -2.20 -2.06
N TRP A 8 2.50 -2.29 -0.73
CA TRP A 8 3.06 -3.45 -0.04
C TRP A 8 2.27 -4.70 -0.42
N LEU A 9 0.95 -4.61 -0.39
CA LEU A 9 0.09 -5.77 -0.61
C LEU A 9 0.20 -6.34 -2.02
N LEU A 10 0.38 -5.47 -3.00
CA LEU A 10 0.54 -5.84 -4.41
C LEU A 10 -0.55 -6.81 -4.91
N GLY A 1 -0.22 7.44 4.82
CA GLY A 1 -1.31 7.23 3.85
C GLY A 1 -1.50 5.76 3.53
N LEU A 2 -2.69 5.40 3.08
CA LEU A 2 -2.99 4.00 2.76
C LEU A 2 -2.24 3.47 1.55
N LEU A 3 -1.95 4.33 0.58
CA LEU A 3 -1.36 3.89 -0.69
C LEU A 3 -0.08 3.07 -0.54
N LYS A 4 0.79 3.42 0.41
CA LYS A 4 2.02 2.65 0.59
C LYS A 4 1.74 1.24 1.11
N PHE A 5 0.65 1.06 1.84
CA PHE A 5 0.28 -0.26 2.34
C PHE A 5 -0.41 -1.06 1.24
N ILE A 6 -1.10 -0.37 0.34
CA ILE A 6 -1.73 -1.04 -0.79
C ILE A 6 -0.63 -1.53 -1.74
N LYS A 7 0.37 -0.71 -1.97
CA LYS A 7 1.51 -1.12 -2.81
C LYS A 7 2.25 -2.29 -2.19
N TRP A 8 2.30 -2.36 -0.87
CA TRP A 8 2.92 -3.49 -0.18
C TRP A 8 2.11 -4.77 -0.41
N LEU A 9 0.79 -4.68 -0.39
CA LEU A 9 -0.05 -5.85 -0.61
C LEU A 9 -0.04 -6.28 -2.08
N LEU A 10 0.11 -5.32 -2.97
CA LEU A 10 0.20 -5.62 -4.41
C LEU A 10 1.45 -6.43 -4.71
N GLY A 1 1.64 5.59 4.43
CA GLY A 1 0.35 6.04 3.95
C GLY A 1 -0.51 4.88 3.50
N LEU A 2 -1.81 5.10 3.31
CA LEU A 2 -2.74 4.06 2.87
C LEU A 2 -2.32 3.51 1.52
N LEU A 3 -1.97 4.37 0.58
CA LEU A 3 -1.55 3.91 -0.74
C LEU A 3 -0.27 3.08 -0.65
N LYS A 4 0.64 3.40 0.24
CA LYS A 4 1.84 2.57 0.42
C LYS A 4 1.46 1.19 0.94
N PHE A 5 0.47 1.09 1.81
CA PHE A 5 0.08 -0.23 2.29
C PHE A 5 -0.53 -1.05 1.17
N ILE A 6 -1.24 -0.39 0.27
CA ILE A 6 -1.78 -1.09 -0.90
C ILE A 6 -0.61 -1.55 -1.77
N LYS A 7 0.42 -0.73 -1.94
CA LYS A 7 1.63 -1.14 -2.69
C LYS A 7 2.31 -2.34 -2.06
N TRP A 8 2.34 -2.38 -0.74
CA TRP A 8 2.92 -3.49 0.00
C TRP A 8 2.12 -4.78 -0.23
N LEU A 9 0.80 -4.67 -0.34
CA LEU A 9 -0.03 -5.84 -0.62
C LEU A 9 0.04 -6.24 -2.10
N LEU A 10 0.18 -5.26 -2.98
CA LEU A 10 0.27 -5.51 -4.43
C LEU A 10 1.54 -6.29 -4.74
N GLY A 1 -0.40 7.95 5.07
CA GLY A 1 -1.13 7.49 3.86
C GLY A 1 -1.31 6.00 3.83
N LEU A 2 -2.32 5.53 3.11
CA LEU A 2 -2.64 4.11 3.01
C LEU A 2 -2.19 3.52 1.68
N LEU A 3 -1.89 4.36 0.70
CA LEU A 3 -1.50 3.88 -0.62
C LEU A 3 -0.21 3.05 -0.55
N LYS A 4 0.69 3.40 0.36
CA LYS A 4 1.91 2.59 0.54
C LYS A 4 1.57 1.17 0.99
N PHE A 5 0.52 0.99 1.79
CA PHE A 5 0.14 -0.35 2.24
C PHE A 5 -0.53 -1.11 1.11
N ILE A 6 -1.20 -0.40 0.22
CA ILE A 6 -1.80 -1.02 -0.95
C ILE A 6 -0.66 -1.54 -1.84
N LYS A 7 0.37 -0.73 -2.05
CA LYS A 7 1.52 -1.17 -2.81
C LYS A 7 2.22 -2.36 -2.15
N TRP A 8 2.29 -2.32 -0.83
CA TRP A 8 2.89 -3.40 -0.05
C TRP A 8 2.09 -4.71 -0.18
N LEU A 9 0.78 -4.61 -0.40
CA LEU A 9 -0.04 -5.79 -0.63
C LEU A 9 0.09 -6.30 -2.06
N LEU A 10 0.19 -5.38 -3.00
CA LEU A 10 0.32 -5.71 -4.42
C LEU A 10 1.64 -6.43 -4.71
N GLY A 1 -1.95 9.24 2.22
CA GLY A 1 -1.68 8.05 3.04
C GLY A 1 -2.28 6.81 2.44
N LEU A 2 -2.21 5.71 3.18
CA LEU A 2 -2.79 4.39 2.82
C LEU A 2 -2.27 3.68 1.54
N LEU A 3 -1.86 4.42 0.54
CA LEU A 3 -1.40 3.85 -0.73
C LEU A 3 -0.19 2.93 -0.55
N LYS A 4 0.74 3.28 0.34
CA LYS A 4 1.93 2.46 0.56
C LYS A 4 1.55 1.07 1.08
N PHE A 5 0.52 0.98 1.89
CA PHE A 5 0.06 -0.31 2.40
C PHE A 5 -0.53 -1.13 1.27
N ILE A 6 -1.26 -0.49 0.37
CA ILE A 6 -1.83 -1.18 -0.78
C ILE A 6 -0.72 -1.64 -1.71
N LYS A 7 0.28 -0.79 -1.94
CA LYS A 7 1.40 -1.11 -2.78
C LYS A 7 2.21 -2.26 -2.19
N TRP A 8 2.29 -2.30 -0.86
CA TRP A 8 2.93 -3.41 -0.16
C TRP A 8 2.18 -4.72 -0.44
N LEU A 9 0.85 -4.68 -0.39
CA LEU A 9 0.04 -5.88 -0.63
C LEU A 9 0.11 -6.35 -2.07
N LEU A 10 0.19 -5.41 -3.00
CA LEU A 10 0.29 -5.72 -4.43
C LEU A 10 1.72 -6.07 -4.84
N GLY A 1 1.30 5.37 4.67
CA GLY A 1 -0.16 5.56 4.65
C GLY A 1 -0.87 4.49 3.87
N LEU A 2 -2.13 4.72 3.54
CA LEU A 2 -2.96 3.73 2.84
C LEU A 2 -2.44 3.33 1.47
N LEU A 3 -1.94 4.28 0.69
CA LEU A 3 -1.45 3.97 -0.65
C LEU A 3 -0.15 3.15 -0.57
N LYS A 4 0.72 3.49 0.38
CA LYS A 4 1.95 2.70 0.59
C LYS A 4 1.61 1.28 1.01
N PHE A 5 0.57 1.12 1.82
CA PHE A 5 0.11 -0.21 2.22
C PHE A 5 -0.43 -0.97 1.02
N ILE A 6 -1.13 -0.29 0.12
CA ILE A 6 -1.65 -0.94 -1.08
C ILE A 6 -0.48 -1.41 -1.96
N LYS A 7 0.56 -0.61 -2.07
CA LYS A 7 1.72 -1.02 -2.87
C LYS A 7 2.38 -2.24 -2.23
N TRP A 8 2.38 -2.32 -0.91
CA TRP A 8 2.92 -3.47 -0.18
C TRP A 8 2.02 -4.70 -0.37
N LEU A 9 0.71 -4.48 -0.36
CA LEU A 9 -0.29 -5.53 -0.48
C LEU A 9 -0.16 -6.24 -1.83
N LEU A 10 0.06 -5.46 -2.88
CA LEU A 10 0.16 -6.01 -4.23
C LEU A 10 1.56 -6.55 -4.50
N GLY A 1 0.67 8.15 2.83
CA GLY A 1 -0.73 7.75 2.98
C GLY A 1 -0.90 6.25 2.90
N LEU A 2 -2.15 5.79 2.97
CA LEU A 2 -2.44 4.35 2.99
C LEU A 2 -2.22 3.64 1.66
N LEU A 3 -1.96 4.38 0.60
CA LEU A 3 -1.62 3.78 -0.69
C LEU A 3 -0.31 3.00 -0.58
N LYS A 4 0.54 3.34 0.39
CA LYS A 4 1.78 2.60 0.60
C LYS A 4 1.49 1.17 1.06
N PHE A 5 0.49 1.00 1.93
CA PHE A 5 0.12 -0.34 2.39
C PHE A 5 -0.47 -1.14 1.24
N ILE A 6 -1.18 -0.46 0.36
CA ILE A 6 -1.77 -1.10 -0.82
C ILE A 6 -0.66 -1.54 -1.78
N LYS A 7 0.37 -0.71 -1.93
CA LYS A 7 1.53 -1.04 -2.74
C LYS A 7 2.24 -2.27 -2.19
N TRP A 8 2.30 -2.40 -0.87
CA TRP A 8 2.93 -3.56 -0.23
C TRP A 8 2.10 -4.84 -0.48
N LEU A 9 0.78 -4.71 -0.47
CA LEU A 9 -0.10 -5.85 -0.70
C LEU A 9 -0.02 -6.32 -2.14
N LEU A 10 0.21 -5.37 -3.05
CA LEU A 10 0.46 -5.72 -4.46
C LEU A 10 1.82 -6.41 -4.58
N GLY A 1 -0.67 7.46 5.18
CA GLY A 1 -1.79 7.21 4.24
C GLY A 1 -1.96 5.73 3.96
N LEU A 2 -2.80 5.39 2.99
CA LEU A 2 -3.12 4.00 2.70
C LEU A 2 -2.36 3.43 1.51
N LEU A 3 -1.97 4.28 0.57
CA LEU A 3 -1.34 3.81 -0.67
C LEU A 3 -0.05 3.05 -0.44
N LYS A 4 0.75 3.44 0.54
CA LYS A 4 1.99 2.71 0.84
C LYS A 4 1.70 1.26 1.25
N PHE A 5 0.55 1.03 1.88
CA PHE A 5 0.17 -0.32 2.28
C PHE A 5 -0.44 -1.10 1.12
N ILE A 6 -1.07 -0.42 0.18
CA ILE A 6 -1.60 -1.08 -1.03
C ILE A 6 -0.42 -1.52 -1.89
N LYS A 7 0.59 -0.68 -2.00
CA LYS A 7 1.80 -0.99 -2.73
C LYS A 7 2.54 -2.18 -2.10
N TRP A 8 2.47 -2.27 -0.78
CA TRP A 8 3.05 -3.40 -0.05
C TRP A 8 2.27 -4.69 -0.32
N LEU A 9 0.95 -4.56 -0.42
CA LEU A 9 0.07 -5.71 -0.63
C LEU A 9 0.18 -6.28 -2.03
N LEU A 10 0.40 -5.39 -2.99
CA LEU A 10 0.48 -5.71 -4.42
C LEU A 10 -0.53 -6.80 -4.85
N GLY A 1 1.08 7.77 2.46
CA GLY A 1 -0.34 7.55 2.80
C GLY A 1 -0.70 6.08 2.76
N LEU A 2 -1.99 5.78 2.88
CA LEU A 2 -2.52 4.40 2.88
C LEU A 2 -2.18 3.64 1.62
N LEU A 3 -1.94 4.37 0.55
CA LEU A 3 -1.53 3.79 -0.74
C LEU A 3 -0.28 2.93 -0.61
N LYS A 4 0.56 3.25 0.36
CA LYS A 4 1.80 2.52 0.58
C LYS A 4 1.52 1.11 1.06
N PHE A 5 0.52 0.95 1.91
CA PHE A 5 0.16 -0.38 2.38
C PHE A 5 -0.46 -1.16 1.24
N ILE A 6 -1.25 -0.49 0.42
CA ILE A 6 -1.85 -1.16 -0.75
C ILE A 6 -0.75 -1.62 -1.72
N LYS A 7 0.26 -0.79 -1.93
CA LYS A 7 1.39 -1.13 -2.76
C LYS A 7 2.17 -2.31 -2.18
N TRP A 8 2.22 -2.40 -0.85
CA TRP A 8 2.88 -3.51 -0.17
C TRP A 8 2.10 -4.82 -0.39
N LEU A 9 0.78 -4.74 -0.40
CA LEU A 9 -0.05 -5.93 -0.64
C LEU A 9 0.09 -6.36 -2.10
N LEU A 10 0.22 -5.39 -2.98
CA LEU A 10 0.43 -5.61 -4.41
C LEU A 10 1.93 -5.68 -4.74
N GLY A 1 1.21 6.01 4.54
CA GLY A 1 -0.05 6.30 3.85
C GLY A 1 -0.75 5.06 3.40
N LEU A 2 -2.06 5.12 3.21
CA LEU A 2 -2.84 3.95 2.80
C LEU A 2 -2.33 3.39 1.48
N LEU A 3 -1.99 4.27 0.56
CA LEU A 3 -1.50 3.86 -0.76
C LEU A 3 -0.17 3.08 -0.67
N LYS A 4 0.66 3.41 0.31
CA LYS A 4 1.91 2.68 0.53
C LYS A 4 1.63 1.26 1.00
N PHE A 5 0.59 1.10 1.79
CA PHE A 5 0.19 -0.23 2.25
C PHE A 5 -0.47 -1.03 1.13
N ILE A 6 -1.14 -0.36 0.20
CA ILE A 6 -1.71 -1.07 -0.95
C ILE A 6 -0.56 -1.58 -1.83
N LYS A 7 0.48 -0.78 -2.01
CA LYS A 7 1.66 -1.18 -2.72
C LYS A 7 2.36 -2.36 -2.02
N TRP A 8 2.30 -2.39 -0.70
CA TRP A 8 2.87 -3.50 0.07
C TRP A 8 2.11 -4.79 -0.25
N LEU A 9 0.79 -4.72 -0.28
CA LEU A 9 -0.03 -5.90 -0.53
C LEU A 9 0.06 -6.37 -1.98
N LEU A 10 -0.01 -5.42 -2.89
CA LEU A 10 0.03 -5.70 -4.33
C LEU A 10 1.42 -5.42 -4.88
N GLY A 1 0.12 4.93 6.19
CA GLY A 1 0.13 5.33 4.77
C GLY A 1 -0.68 4.39 3.92
N LEU A 2 -1.89 4.79 3.56
CA LEU A 2 -2.80 3.91 2.80
C LEU A 2 -2.26 3.49 1.44
N LEU A 3 -1.80 4.42 0.63
CA LEU A 3 -1.30 4.04 -0.70
C LEU A 3 -0.10 3.13 -0.57
N LYS A 4 0.78 3.42 0.37
CA LYS A 4 1.94 2.56 0.60
C LYS A 4 1.51 1.16 1.01
N PHE A 5 0.47 1.04 1.84
CA PHE A 5 -0.01 -0.27 2.27
C PHE A 5 -0.61 -1.06 1.09
N ILE A 6 -1.30 -0.37 0.19
CA ILE A 6 -1.86 -1.04 -1.01
C ILE A 6 -0.72 -1.51 -1.90
N LYS A 7 0.28 -0.67 -2.12
CA LYS A 7 1.43 -1.07 -2.93
C LYS A 7 2.17 -2.21 -2.24
N TRP A 8 2.21 -2.20 -0.93
CA TRP A 8 2.84 -3.27 -0.15
C TRP A 8 2.10 -4.60 -0.34
N LEU A 9 0.77 -4.56 -0.34
CA LEU A 9 -0.04 -5.77 -0.51
C LEU A 9 0.07 -6.31 -1.93
N LEU A 10 0.21 -5.42 -2.89
CA LEU A 10 0.40 -5.81 -4.30
C LEU A 10 1.73 -6.55 -4.47
N GLY A 1 1.35 5.11 5.10
CA GLY A 1 0.31 5.74 4.23
C GLY A 1 -0.58 4.70 3.59
N LEU A 2 -1.83 5.03 3.34
CA LEU A 2 -2.78 4.03 2.81
C LEU A 2 -2.33 3.46 1.47
N LEU A 3 -1.94 4.30 0.51
CA LEU A 3 -1.49 3.83 -0.79
C LEU A 3 -0.22 3.01 -0.65
N LYS A 4 0.66 3.41 0.26
CA LYS A 4 1.89 2.66 0.49
C LYS A 4 1.58 1.26 1.02
N PHE A 5 0.57 1.13 1.87
CA PHE A 5 0.14 -0.19 2.34
C PHE A 5 -0.54 -1.00 1.22
N ILE A 6 -1.22 -0.32 0.31
CA ILE A 6 -1.81 -1.02 -0.84
C ILE A 6 -0.68 -1.55 -1.75
N LYS A 7 0.37 -0.76 -1.92
CA LYS A 7 1.51 -1.18 -2.74
C LYS A 7 2.26 -2.32 -2.09
N TRP A 8 2.28 -2.37 -0.76
CA TRP A 8 2.87 -3.48 -0.03
C TRP A 8 2.08 -4.77 -0.31
N LEU A 9 0.75 -4.65 -0.36
CA LEU A 9 -0.11 -5.80 -0.64
C LEU A 9 0.09 -6.28 -2.08
N LEU A 10 0.13 -5.33 -3.00
CA LEU A 10 0.30 -5.65 -4.43
C LEU A 10 1.72 -6.15 -4.73
N GLY A 1 1.45 5.47 4.88
CA GLY A 1 0.34 6.04 4.07
C GLY A 1 -0.59 4.96 3.56
N LEU A 2 -1.83 5.29 3.24
CA LEU A 2 -2.79 4.28 2.83
C LEU A 2 -2.39 3.58 1.53
N LEU A 3 -1.91 4.33 0.55
CA LEU A 3 -1.51 3.72 -0.71
C LEU A 3 -0.19 2.97 -0.56
N LYS A 4 0.59 3.32 0.46
CA LYS A 4 1.83 2.59 0.74
C LYS A 4 1.48 1.16 1.13
N PHE A 5 0.43 0.99 1.93
CA PHE A 5 -0.02 -0.34 2.32
C PHE A 5 -0.53 -1.11 1.11
N ILE A 6 -1.21 -0.42 0.20
CA ILE A 6 -1.73 -1.09 -1.00
C ILE A 6 -0.56 -1.53 -1.89
N LYS A 7 0.45 -0.68 -2.06
CA LYS A 7 1.63 -1.08 -2.85
C LYS A 7 2.33 -2.27 -2.22
N TRP A 8 2.39 -2.28 -0.90
CA TRP A 8 3.00 -3.38 -0.16
C TRP A 8 2.19 -4.68 -0.37
N LEU A 9 0.87 -4.57 -0.32
CA LEU A 9 -0.02 -5.70 -0.55
C LEU A 9 0.08 -6.25 -1.97
N LEU A 10 0.09 -5.37 -2.95
CA LEU A 10 0.13 -5.75 -4.36
C LEU A 10 1.47 -6.41 -4.71
N GLY A 1 0.60 7.05 4.26
CA GLY A 1 -0.68 6.96 3.54
C GLY A 1 -1.08 5.54 3.26
N LEU A 2 -2.37 5.28 3.10
CA LEU A 2 -2.87 3.92 2.85
C LEU A 2 -2.42 3.38 1.49
N LEU A 3 -1.99 4.26 0.61
CA LEU A 3 -1.50 3.88 -0.71
C LEU A 3 -0.17 3.12 -0.60
N LYS A 4 0.57 3.36 0.49
CA LYS A 4 1.80 2.63 0.72
C LYS A 4 1.48 1.19 1.10
N PHE A 5 0.43 0.99 1.88
CA PHE A 5 0.04 -0.36 2.27
C PHE A 5 -0.47 -1.11 1.05
N ILE A 6 -1.06 -0.39 0.11
CA ILE A 6 -1.52 -0.99 -1.14
C ILE A 6 -0.30 -1.44 -1.96
N LYS A 7 0.73 -0.61 -2.03
CA LYS A 7 1.96 -0.98 -2.70
C LYS A 7 2.65 -2.17 -2.04
N TRP A 8 2.50 -2.29 -0.73
CA TRP A 8 3.03 -3.41 0.01
C TRP A 8 2.24 -4.70 -0.27
N LEU A 9 0.92 -4.58 -0.31
CA LEU A 9 0.03 -5.72 -0.55
C LEU A 9 0.14 -6.26 -1.98
N LEU A 10 0.39 -5.36 -2.92
CA LEU A 10 0.55 -5.69 -4.34
C LEU A 10 -0.55 -6.63 -4.86
N GLY A 1 -2.30 8.15 2.85
CA GLY A 1 -3.61 7.48 3.04
C GLY A 1 -3.64 6.10 2.44
N LEU A 2 -3.03 5.15 3.14
CA LEU A 2 -3.00 3.72 2.77
C LEU A 2 -2.40 3.32 1.42
N LEU A 3 -1.94 4.27 0.62
CA LEU A 3 -1.36 3.94 -0.69
C LEU A 3 -0.09 3.13 -0.55
N LYS A 4 0.72 3.41 0.46
CA LYS A 4 1.94 2.63 0.68
C LYS A 4 1.64 1.22 1.14
N PHE A 5 0.52 1.03 1.82
CA PHE A 5 0.11 -0.32 2.21
C PHE A 5 -0.35 -1.07 0.97
N ILE A 6 -1.05 -0.39 0.07
CA ILE A 6 -1.49 -1.04 -1.18
C ILE A 6 -0.27 -1.47 -1.98
N LYS A 7 0.76 -0.63 -2.03
CA LYS A 7 2.01 -0.99 -2.71
C LYS A 7 2.69 -2.20 -2.06
N TRP A 8 2.54 -2.35 -0.76
CA TRP A 8 3.14 -3.49 -0.05
C TRP A 8 2.27 -4.75 -0.11
N LEU A 9 0.97 -4.56 -0.32
CA LEU A 9 0.02 -5.68 -0.49
C LEU A 9 0.02 -6.21 -1.92
N LEU A 10 0.42 -5.38 -2.88
CA LEU A 10 0.40 -5.71 -4.30
C LEU A 10 -0.95 -6.26 -4.78
N GLY A 1 0.83 6.23 5.07
CA GLY A 1 -0.29 6.48 4.14
C GLY A 1 -0.90 5.20 3.61
N LEU A 2 -2.17 5.24 3.27
CA LEU A 2 -2.90 4.08 2.79
C LEU A 2 -2.32 3.48 1.51
N LEU A 3 -1.96 4.33 0.56
CA LEU A 3 -1.47 3.85 -0.73
C LEU A 3 -0.18 3.04 -0.59
N LYS A 4 0.70 3.44 0.32
CA LYS A 4 1.94 2.69 0.56
C LYS A 4 1.61 1.28 1.05
N PHE A 5 0.60 1.13 1.88
CA PHE A 5 0.19 -0.20 2.34
C PHE A 5 -0.46 -1.01 1.21
N ILE A 6 -1.14 -0.35 0.30
CA ILE A 6 -1.75 -1.02 -0.85
C ILE A 6 -0.63 -1.53 -1.76
N LYS A 7 0.41 -0.74 -1.96
CA LYS A 7 1.56 -1.17 -2.76
C LYS A 7 2.31 -2.32 -2.09
N TRP A 8 2.27 -2.40 -0.77
CA TRP A 8 2.90 -3.51 -0.06
C TRP A 8 2.10 -4.79 -0.36
N LEU A 9 0.78 -4.68 -0.39
CA LEU A 9 -0.08 -5.84 -0.64
C LEU A 9 0.10 -6.33 -2.07
N LEU A 10 0.04 -5.40 -3.02
CA LEU A 10 0.18 -5.74 -4.43
C LEU A 10 1.58 -6.22 -4.80
N GLY A 1 -1.86 8.28 1.75
CA GLY A 1 -2.11 7.75 3.09
C GLY A 1 -1.87 6.28 3.19
N LEU A 2 -2.88 5.47 2.92
CA LEU A 2 -2.76 4.00 2.96
C LEU A 2 -2.22 3.37 1.67
N LEU A 3 -2.04 4.21 0.68
CA LEU A 3 -1.54 3.80 -0.65
C LEU A 3 -0.21 3.05 -0.55
N LYS A 4 0.70 3.47 0.32
CA LYS A 4 1.97 2.74 0.49
C LYS A 4 1.72 1.30 0.94
N PHE A 5 0.76 1.13 1.83
CA PHE A 5 0.43 -0.22 2.30
C PHE A 5 -0.27 -1.01 1.18
N ILE A 6 -1.01 -0.35 0.31
CA ILE A 6 -1.66 -1.03 -0.81
C ILE A 6 -0.55 -1.51 -1.76
N LYS A 7 0.52 -0.73 -1.93
CA LYS A 7 1.65 -1.18 -2.74
C LYS A 7 2.28 -2.40 -2.11
N TRP A 8 2.33 -2.45 -0.79
CA TRP A 8 2.87 -3.62 -0.08
C TRP A 8 2.01 -4.84 -0.32
N LEU A 9 0.67 -4.66 -0.38
CA LEU A 9 -0.26 -5.76 -0.68
C LEU A 9 -0.20 -6.21 -2.14
N LEU A 10 0.12 -5.28 -3.02
CA LEU A 10 0.27 -5.59 -4.44
C LEU A 10 1.55 -6.39 -4.69
#